data_7XEK
#
_entry.id   7XEK
#
_cell.length_a   92.800
_cell.length_b   92.800
_cell.length_c   128.900
_cell.angle_alpha   90.000
_cell.angle_beta   90.000
_cell.angle_gamma   120.000
#
_symmetry.space_group_name_H-M   'P 31 2 1'
#
loop_
_entity.id
_entity.type
_entity.pdbx_description
1 polymer 'Cysteine desulfurase SufS'
2 non-polymer '(2~{S},4~{S})-2-[2-methyl-3-oxidanyl-5-(phosphonooxymethyl)pyridin-4-yl]-1,3-thiazolidine-4-carboxylic acid'
3 non-polymer DI(HYDROXYETHYL)ETHER
4 non-polymer 1,2-ETHANEDIOL
5 non-polymer 'TETRAETHYLENE GLYCOL'
6 non-polymer 'TRIETHYLENE GLYCOL'
7 water water
#
_entity_poly.entity_id   1
_entity_poly.type   'polypeptide(L)'
_entity_poly.pdbx_seq_one_letter_code
;MGHMNITDIREQFPILHQQVNGHDLVYLDSAATSQKPRAVIETLDKYYNQYNSNVHRGVHTLGTRATDGYEGAREKVRKF
INAKSMAEIIFTKGTTTSLNMVALSYARANLKPGDEVVITYMEHHANIIPWQQAVKATGATLKYIPLQEDGTISLEDVRE
TVTSNTKIVAVSHVSNVLGTVNPIKEMAKIAHDNGAVIVVDGAQSTPHMKIDVQDLDCDFFALSSHKMCGPTGVGVLYGK
KALLENMEPAEFGGEMIDFVGLYESTWKELPWKFEAGTPIIAGAIGLGAAIDFLEEIGLDEISRHEHKLAAYALERFRQL
DGVTVYGPEERAGLVTFNLDDVHPHDVATVLDAEGIAVRAGHHCAQPLMKWLDVTATARASFYLYNTEEEIDKLVEALQK
TKEYFTNVFVDLEHHHHHH
;
_entity_poly.pdbx_strand_id   A
#
# COMPACT_ATOMS: atom_id res chain seq x y z
N MET A 4 -3.11 -14.61 -19.60
CA MET A 4 -2.34 -14.66 -18.29
C MET A 4 -2.25 -16.09 -17.75
N ASN A 5 -1.04 -16.68 -17.75
CA ASN A 5 -0.96 -18.09 -17.42
C ASN A 5 -0.31 -18.20 -16.01
N ILE A 6 -1.01 -18.79 -15.01
CA ILE A 6 -0.57 -18.60 -13.64
C ILE A 6 0.55 -19.58 -13.35
N THR A 7 0.59 -20.70 -14.08
CA THR A 7 1.74 -21.60 -13.97
C THR A 7 3.01 -20.88 -14.42
N ASP A 8 2.95 -20.22 -15.58
CA ASP A 8 4.16 -19.55 -16.03
C ASP A 8 4.54 -18.41 -15.07
N ILE A 9 3.54 -17.68 -14.52
CA ILE A 9 3.88 -16.59 -13.62
C ILE A 9 4.54 -17.19 -12.35
N ARG A 10 3.89 -18.18 -11.75
CA ARG A 10 4.48 -18.85 -10.55
C ARG A 10 5.92 -19.35 -10.75
N GLU A 11 6.25 -19.89 -11.95
CA GLU A 11 7.61 -20.38 -12.23
C GLU A 11 8.64 -19.26 -12.00
N GLN A 12 8.26 -17.99 -12.07
CA GLN A 12 9.22 -16.87 -12.01
C GLN A 12 9.53 -16.46 -10.55
N PHE A 13 8.81 -17.01 -9.56
CA PHE A 13 8.95 -16.64 -8.14
C PHE A 13 9.52 -17.82 -7.35
N PRO A 14 10.86 -17.88 -7.21
CA PRO A 14 11.51 -19.02 -6.58
C PRO A 14 10.96 -19.31 -5.22
N ILE A 15 10.57 -18.27 -4.45
CA ILE A 15 10.20 -18.51 -3.04
C ILE A 15 8.91 -19.35 -2.91
N LEU A 16 8.11 -19.43 -3.97
CA LEU A 16 6.84 -20.17 -3.83
C LEU A 16 7.08 -21.69 -3.78
N HIS A 17 8.26 -22.15 -4.26
CA HIS A 17 8.49 -23.58 -4.52
C HIS A 17 9.21 -24.18 -3.32
N GLN A 18 8.55 -24.26 -2.16
CA GLN A 18 9.16 -24.89 -0.98
C GLN A 18 8.03 -25.40 -0.10
N GLN A 19 8.39 -26.15 0.94
CA GLN A 19 7.39 -26.60 1.92
C GLN A 19 7.60 -25.88 3.24
N VAL A 20 6.52 -25.70 4.00
CA VAL A 20 6.61 -25.25 5.37
C VAL A 20 5.87 -26.31 6.20
N ASN A 21 6.49 -26.79 7.28
CA ASN A 21 5.90 -27.81 8.17
C ASN A 21 5.48 -29.04 7.37
N GLY A 22 6.23 -29.39 6.32
CA GLY A 22 5.91 -30.61 5.60
C GLY A 22 4.77 -30.43 4.62
N HIS A 23 4.28 -29.19 4.34
CA HIS A 23 3.22 -29.00 3.34
C HIS A 23 3.68 -27.99 2.28
N ASP A 24 3.25 -28.09 1.03
CA ASP A 24 3.55 -27.02 0.10
C ASP A 24 3.14 -25.67 0.70
N LEU A 25 4.00 -24.67 0.49
CA LEU A 25 3.69 -23.33 0.97
C LEU A 25 2.47 -22.83 0.21
N VAL A 26 1.58 -22.16 0.98
CA VAL A 26 0.47 -21.49 0.32
C VAL A 26 0.56 -20.06 0.89
N TYR A 27 1.17 -19.16 0.10
CA TYR A 27 1.37 -17.82 0.64
C TYR A 27 0.17 -16.93 0.29
N LEU A 28 -0.60 -16.49 1.32
CA LEU A 28 -1.81 -15.67 1.13
C LEU A 28 -1.69 -14.45 2.04
N ASP A 29 -0.52 -13.81 1.95
CA ASP A 29 -0.26 -12.64 2.78
C ASP A 29 0.40 -11.54 1.96
N SER A 30 -0.01 -11.36 0.68
CA SER A 30 0.67 -10.34 -0.14
C SER A 30 0.26 -8.92 0.24
N ALA A 31 -0.85 -8.74 0.99
CA ALA A 31 -1.13 -7.38 1.51
C ALA A 31 -0.16 -7.00 2.63
N ALA A 32 0.48 -8.01 3.31
CA ALA A 32 1.57 -7.64 4.26
C ALA A 32 2.83 -7.43 3.42
N THR A 33 3.20 -8.39 2.51
CA THR A 33 4.20 -7.98 1.52
C THR A 33 4.11 -8.95 0.35
N SER A 34 4.59 -8.49 -0.82
CA SER A 34 4.55 -9.38 -1.99
C SER A 34 5.91 -10.09 -2.18
N GLN A 35 5.83 -11.22 -2.91
CA GLN A 35 7.03 -11.95 -3.28
C GLN A 35 7.56 -11.38 -4.59
N LYS A 36 8.85 -11.69 -4.93
CA LYS A 36 9.50 -11.04 -6.07
C LYS A 36 9.81 -12.09 -7.15
N PRO A 37 9.71 -11.73 -8.44
CA PRO A 37 10.07 -12.63 -9.55
C PRO A 37 11.59 -12.54 -9.75
N ARG A 38 12.17 -13.51 -10.46
CA ARG A 38 13.58 -13.52 -10.72
C ARG A 38 13.98 -12.24 -11.46
N ALA A 39 13.12 -11.71 -12.33
CA ALA A 39 13.54 -10.47 -13.00
C ALA A 39 13.94 -9.33 -12.02
N VAL A 40 13.29 -9.24 -10.87
CA VAL A 40 13.62 -8.19 -9.90
C VAL A 40 14.87 -8.59 -9.14
N ILE A 41 14.95 -9.84 -8.66
CA ILE A 41 16.09 -10.18 -7.82
C ILE A 41 17.33 -10.09 -8.70
N GLU A 42 17.24 -10.58 -9.96
CA GLU A 42 18.44 -10.55 -10.82
C GLU A 42 18.79 -9.11 -11.23
N THR A 43 17.80 -8.20 -11.17
CA THR A 43 18.16 -6.79 -11.42
C THR A 43 19.07 -6.28 -10.26
N LEU A 44 18.74 -6.59 -8.99
CA LEU A 44 19.61 -6.14 -7.89
C LEU A 44 20.98 -6.81 -8.04
N ASP A 45 20.98 -8.09 -8.43
CA ASP A 45 22.26 -8.76 -8.54
C ASP A 45 23.15 -8.12 -9.62
N LYS A 46 22.55 -7.82 -10.77
CA LYS A 46 23.35 -7.22 -11.83
C LYS A 46 23.84 -5.83 -11.39
N TYR A 47 23.00 -5.10 -10.64
CA TYR A 47 23.46 -3.79 -10.14
C TYR A 47 24.70 -3.97 -9.26
N TYR A 48 24.63 -4.86 -8.25
CA TYR A 48 25.77 -4.92 -7.33
C TYR A 48 26.95 -5.67 -7.97
N ASN A 49 26.71 -6.58 -8.94
CA ASN A 49 27.78 -7.37 -9.60
C ASN A 49 28.48 -6.51 -10.65
N GLN A 50 27.80 -5.50 -11.21
CA GLN A 50 28.35 -4.87 -12.42
C GLN A 50 28.44 -3.36 -12.40
N TYR A 51 27.46 -2.65 -11.83
CA TYR A 51 27.54 -1.19 -12.09
C TYR A 51 27.24 -0.26 -10.86
N ASN A 52 27.28 -0.82 -9.62
CA ASN A 52 27.05 0.01 -8.43
C ASN A 52 28.12 1.12 -8.43
N SER A 53 27.66 2.32 -8.06
CA SER A 53 28.46 3.53 -7.91
C SER A 53 27.52 4.61 -7.39
N ASN A 54 28.05 5.68 -6.79
CA ASN A 54 27.13 6.71 -6.33
C ASN A 54 26.69 7.50 -7.61
N VAL A 55 25.56 8.22 -7.51
CA VAL A 55 24.87 8.71 -8.71
C VAL A 55 24.96 10.22 -8.75
N HIS A 56 24.73 10.77 -9.96
CA HIS A 56 24.64 12.21 -10.24
C HIS A 56 26.07 12.81 -10.33
N ARG A 57 26.24 13.98 -10.96
CA ARG A 57 27.60 14.49 -11.24
C ARG A 57 28.51 13.38 -11.77
N GLY A 58 28.08 12.63 -12.82
CA GLY A 58 28.74 11.41 -13.29
C GLY A 58 30.11 11.75 -13.91
N VAL A 59 31.20 11.19 -13.41
CA VAL A 59 32.45 11.54 -14.03
C VAL A 59 33.12 10.26 -14.48
N HIS A 60 32.56 9.14 -14.01
CA HIS A 60 33.21 7.89 -14.38
C HIS A 60 32.16 6.90 -14.89
N THR A 61 32.61 5.87 -15.59
CA THR A 61 31.71 5.07 -16.39
C THR A 61 30.69 4.32 -15.49
N LEU A 62 31.13 3.68 -14.38
CA LEU A 62 30.12 3.04 -13.53
C LEU A 62 29.17 4.08 -12.90
N GLY A 63 29.69 5.26 -12.48
CA GLY A 63 28.79 6.31 -11.97
C GLY A 63 27.67 6.66 -12.95
N THR A 64 28.06 6.81 -14.24
CA THR A 64 27.09 7.23 -15.25
C THR A 64 26.07 6.10 -15.37
N ARG A 65 26.56 4.85 -15.42
CA ARG A 65 25.61 3.72 -15.54
C ARG A 65 24.63 3.67 -14.35
N ALA A 66 25.17 3.83 -13.14
CA ALA A 66 24.25 3.81 -11.99
C ALA A 66 23.26 4.95 -12.06
N THR A 67 23.74 6.15 -12.48
CA THR A 67 22.88 7.30 -12.50
C THR A 67 21.76 7.05 -13.52
N ASP A 68 22.17 6.58 -14.72
CA ASP A 68 21.15 6.36 -15.77
C ASP A 68 20.12 5.31 -15.30
N GLY A 69 20.60 4.28 -14.59
CA GLY A 69 19.69 3.28 -13.99
C GLY A 69 18.67 3.93 -13.04
N TYR A 70 19.17 4.76 -12.10
CA TYR A 70 18.34 5.31 -11.05
C TYR A 70 17.33 6.30 -11.71
N GLU A 71 17.84 7.23 -12.58
CA GLU A 71 16.90 8.21 -13.15
C GLU A 71 16.02 7.50 -14.19
N GLY A 72 16.55 6.46 -14.85
CA GLY A 72 15.70 5.66 -15.74
C GLY A 72 14.48 5.02 -14.99
N ALA A 73 14.69 4.60 -13.74
CA ALA A 73 13.61 3.98 -13.02
C ALA A 73 12.60 5.06 -12.64
N ARG A 74 13.09 6.29 -12.35
CA ARG A 74 12.20 7.42 -12.08
C ARG A 74 11.23 7.60 -13.25
N GLU A 75 11.74 7.49 -14.47
CA GLU A 75 10.87 7.67 -15.64
C GLU A 75 9.87 6.49 -15.77
N LYS A 76 10.33 5.27 -15.47
CA LYS A 76 9.41 4.12 -15.49
C LYS A 76 8.25 4.34 -14.51
N VAL A 77 8.56 4.90 -13.32
CA VAL A 77 7.51 5.17 -12.34
C VAL A 77 6.54 6.25 -12.87
N ARG A 78 7.14 7.32 -13.42
CA ARG A 78 6.25 8.36 -13.94
C ARG A 78 5.28 7.80 -14.97
N LYS A 79 5.82 7.00 -15.91
CA LYS A 79 4.92 6.44 -16.93
C LYS A 79 3.91 5.47 -16.32
N PHE A 80 4.33 4.69 -15.32
CA PHE A 80 3.51 3.65 -14.70
C PHE A 80 2.25 4.27 -14.03
N ILE A 81 2.38 5.43 -13.36
CA ILE A 81 1.22 6.08 -12.71
C ILE A 81 0.67 7.22 -13.57
N ASN A 82 1.22 7.39 -14.77
CA ASN A 82 0.75 8.43 -15.71
C ASN A 82 0.91 9.83 -15.13
N ALA A 83 2.01 10.11 -14.40
CA ALA A 83 2.30 11.47 -13.98
C ALA A 83 2.76 12.25 -15.20
N LYS A 84 2.58 13.59 -15.15
CA LYS A 84 3.06 14.40 -16.29
C LYS A 84 4.59 14.53 -16.35
N SER A 85 5.27 14.57 -15.17
CA SER A 85 6.69 14.91 -15.16
C SER A 85 7.44 14.07 -14.11
N MET A 86 8.71 13.77 -14.42
CA MET A 86 9.62 13.16 -13.43
C MET A 86 9.79 14.07 -12.23
N ALA A 87 9.58 15.40 -12.41
CA ALA A 87 9.74 16.31 -11.27
C ALA A 87 8.67 15.96 -10.23
N GLU A 88 7.62 15.23 -10.61
CA GLU A 88 6.55 14.92 -9.64
C GLU A 88 6.74 13.57 -8.95
N ILE A 89 7.85 12.88 -9.28
CA ILE A 89 8.07 11.53 -8.77
C ILE A 89 9.24 11.60 -7.79
N ILE A 90 8.98 11.40 -6.50
CA ILE A 90 10.02 11.46 -5.48
C ILE A 90 10.20 10.02 -4.97
N PHE A 91 11.44 9.55 -4.96
CA PHE A 91 11.71 8.27 -4.31
C PHE A 91 11.79 8.45 -2.80
N THR A 92 11.08 7.57 -2.01
CA THR A 92 11.12 7.66 -0.54
C THR A 92 11.43 6.26 -0.02
N LYS A 93 11.46 6.06 1.33
CA LYS A 93 11.60 4.65 1.73
C LYS A 93 10.29 3.90 1.81
N GLY A 94 9.12 4.50 1.46
CA GLY A 94 7.89 3.68 1.53
C GLY A 94 6.68 4.61 1.63
N THR A 95 5.47 4.06 1.55
CA THR A 95 4.24 4.83 1.61
C THR A 95 4.27 5.66 2.91
N THR A 96 4.62 5.00 4.05
CA THR A 96 4.53 5.71 5.33
C THR A 96 5.37 7.00 5.31
N THR A 97 6.65 6.93 4.90
CA THR A 97 7.48 8.14 4.74
C THR A 97 6.84 9.14 3.75
N SER A 98 6.36 8.68 2.58
CA SER A 98 5.73 9.62 1.63
C SER A 98 4.58 10.37 2.31
N LEU A 99 3.70 9.67 3.08
CA LEU A 99 2.59 10.43 3.71
C LEU A 99 3.10 11.38 4.80
N ASN A 100 4.13 10.96 5.55
CA ASN A 100 4.68 11.89 6.55
C ASN A 100 5.29 13.11 5.87
N MET A 101 5.87 12.99 4.66
CA MET A 101 6.47 14.16 4.02
C MET A 101 5.36 15.18 3.71
N VAL A 102 4.21 14.69 3.24
CA VAL A 102 3.10 15.59 2.95
C VAL A 102 2.64 16.23 4.27
N ALA A 103 2.54 15.46 5.37
CA ALA A 103 2.04 16.03 6.63
C ALA A 103 3.04 17.08 7.17
N LEU A 104 4.35 16.83 7.01
CA LEU A 104 5.34 17.77 7.49
C LEU A 104 5.43 18.97 6.58
N SER A 105 5.65 18.76 5.28
CA SER A 105 6.02 19.87 4.40
C SER A 105 4.78 20.57 3.85
N TYR A 106 3.65 19.87 3.67
CA TYR A 106 2.46 20.56 3.17
C TYR A 106 1.58 20.95 4.39
N ALA A 107 1.08 19.96 5.15
CA ALA A 107 0.05 20.28 6.14
C ALA A 107 0.59 21.27 7.18
N ARG A 108 1.74 21.03 7.77
CA ARG A 108 2.20 21.89 8.86
C ARG A 108 2.49 23.30 8.36
N ALA A 109 2.73 23.49 7.06
CA ALA A 109 2.98 24.82 6.49
C ALA A 109 1.64 25.48 6.14
N ASN A 110 0.53 24.76 6.10
CA ASN A 110 -0.64 25.34 5.48
C ASN A 110 -1.87 25.19 6.41
N LEU A 111 -1.69 24.74 7.66
CA LEU A 111 -2.92 24.63 8.46
C LEU A 111 -2.89 25.73 9.50
N LYS A 112 -4.06 26.26 9.84
CA LYS A 112 -4.09 27.22 10.95
C LYS A 112 -5.34 26.95 11.78
N PRO A 113 -5.57 27.55 12.97
CA PRO A 113 -6.78 27.24 13.73
C PRO A 113 -8.02 27.42 12.87
N GLY A 114 -8.97 26.49 12.99
CA GLY A 114 -10.20 26.52 12.19
C GLY A 114 -10.13 25.72 10.86
N ASP A 115 -8.93 25.49 10.28
CA ASP A 115 -8.73 24.53 9.18
C ASP A 115 -9.01 23.08 9.63
N GLU A 116 -9.52 22.27 8.69
CA GLU A 116 -9.78 20.86 8.91
C GLU A 116 -8.94 19.96 8.00
N VAL A 117 -8.57 18.81 8.54
CA VAL A 117 -8.06 17.69 7.73
C VAL A 117 -9.13 16.64 7.87
N VAL A 118 -9.58 16.09 6.75
CA VAL A 118 -10.63 15.09 6.83
C VAL A 118 -10.09 13.74 6.38
N ILE A 119 -10.22 12.70 7.22
CA ILE A 119 -9.84 11.36 6.84
C ILE A 119 -11.07 10.44 6.98
N THR A 120 -10.85 9.14 7.15
CA THR A 120 -11.97 8.21 7.20
C THR A 120 -11.70 7.16 8.24
N TYR A 121 -12.76 6.45 8.68
CA TYR A 121 -12.51 5.50 9.76
C TYR A 121 -11.75 4.27 9.30
N MET A 122 -11.64 4.04 7.97
CA MET A 122 -10.97 2.80 7.57
C MET A 122 -9.47 3.04 7.32
N GLU A 123 -8.95 4.24 7.60
CA GLU A 123 -7.54 4.45 7.22
C GLU A 123 -6.55 3.61 8.02
N HIS A 124 -5.44 3.25 7.35
CA HIS A 124 -4.29 2.66 8.02
C HIS A 124 -3.68 3.75 8.90
N HIS A 125 -2.95 3.35 9.95
CA HIS A 125 -2.24 4.28 10.81
C HIS A 125 -1.32 5.28 10.02
N ALA A 126 -0.69 4.78 8.94
CA ALA A 126 0.25 5.65 8.23
C ALA A 126 -0.56 6.82 7.65
N ASN A 127 -1.89 6.63 7.39
CA ASN A 127 -2.67 7.77 6.89
C ASN A 127 -3.64 8.29 8.00
N ILE A 128 -3.23 8.15 9.28
CA ILE A 128 -3.94 8.75 10.42
C ILE A 128 -2.97 9.56 11.29
N ILE A 129 -1.92 8.89 11.80
CA ILE A 129 -1.08 9.53 12.79
C ILE A 129 -0.37 10.76 12.24
N PRO A 130 0.18 10.81 11.00
CA PRO A 130 0.82 12.07 10.56
C PRO A 130 -0.13 13.28 10.61
N TRP A 131 -1.42 13.06 10.32
CA TRP A 131 -2.43 14.12 10.40
C TRP A 131 -2.75 14.50 11.86
N GLN A 132 -2.90 13.49 12.74
CA GLN A 132 -3.10 13.77 14.18
C GLN A 132 -1.99 14.73 14.61
N GLN A 133 -0.74 14.41 14.21
CA GLN A 133 0.38 15.21 14.67
C GLN A 133 0.37 16.59 14.03
N ALA A 134 0.05 16.66 12.74
CA ALA A 134 0.09 17.93 12.03
C ALA A 134 -1.06 18.82 12.56
N VAL A 135 -2.23 18.24 12.89
CA VAL A 135 -3.27 19.15 13.38
C VAL A 135 -2.93 19.65 14.80
N LYS A 136 -2.36 18.79 15.66
CA LYS A 136 -1.90 19.17 16.99
C LYS A 136 -0.86 20.30 16.91
N ALA A 137 0.08 20.21 15.99
CA ALA A 137 1.12 21.20 15.79
C ALA A 137 0.53 22.51 15.34
N THR A 138 -0.58 22.52 14.62
CA THR A 138 -1.00 23.78 14.02
C THR A 138 -2.29 24.34 14.70
N GLY A 139 -2.86 23.61 15.65
CA GLY A 139 -4.18 23.91 16.19
C GLY A 139 -5.36 23.78 15.23
N ALA A 140 -5.24 22.96 14.16
CA ALA A 140 -6.35 22.73 13.25
C ALA A 140 -7.24 21.64 13.81
N THR A 141 -8.19 21.10 13.01
CA THR A 141 -9.11 20.09 13.54
C THR A 141 -9.07 18.87 12.63
N LEU A 142 -9.13 17.67 13.22
CA LEU A 142 -9.19 16.47 12.40
C LEU A 142 -10.63 15.97 12.44
N LYS A 143 -11.23 15.60 11.29
CA LYS A 143 -12.55 15.01 11.16
C LYS A 143 -12.51 13.67 10.40
N TYR A 144 -13.51 12.85 10.68
CA TYR A 144 -13.63 11.54 10.05
C TYR A 144 -14.88 11.46 9.20
N ILE A 145 -14.75 11.00 7.96
CA ILE A 145 -15.91 10.64 7.13
C ILE A 145 -16.43 9.31 7.64
N PRO A 146 -17.76 9.18 7.92
CA PRO A 146 -18.28 7.90 8.43
C PRO A 146 -18.31 6.85 7.31
N LEU A 147 -18.49 5.55 7.67
CA LEU A 147 -18.62 4.46 6.70
C LEU A 147 -20.08 3.98 6.65
N GLN A 148 -20.50 3.45 5.52
CA GLN A 148 -21.76 2.74 5.46
C GLN A 148 -21.58 1.37 6.08
N GLU A 149 -22.71 0.66 6.29
CA GLU A 149 -22.58 -0.53 7.09
C GLU A 149 -21.82 -1.64 6.38
N ASP A 150 -21.67 -1.59 5.04
CA ASP A 150 -20.85 -2.62 4.39
C ASP A 150 -19.35 -2.20 4.28
N GLY A 151 -18.94 -1.16 4.99
CA GLY A 151 -17.56 -0.63 4.93
C GLY A 151 -17.21 0.12 3.64
N THR A 152 -18.19 0.72 2.91
CA THR A 152 -17.88 1.67 1.84
C THR A 152 -18.14 3.09 2.28
N ILE A 153 -17.79 4.06 1.42
CA ILE A 153 -17.98 5.45 1.81
C ILE A 153 -19.01 6.00 0.86
N SER A 154 -19.95 6.77 1.40
CA SER A 154 -20.93 7.33 0.48
C SER A 154 -20.47 8.74 0.07
N LEU A 155 -20.64 9.17 -1.21
CA LEU A 155 -20.19 10.51 -1.53
C LEU A 155 -21.04 11.57 -0.84
N GLU A 156 -22.28 11.22 -0.42
CA GLU A 156 -23.03 12.20 0.35
C GLU A 156 -22.37 12.45 1.71
N ASP A 157 -21.85 11.39 2.37
CA ASP A 157 -21.10 11.58 3.62
C ASP A 157 -19.84 12.44 3.43
N VAL A 158 -19.22 12.25 2.26
CA VAL A 158 -18.01 13.03 1.93
C VAL A 158 -18.41 14.52 1.84
N ARG A 159 -19.46 14.78 1.04
CA ARG A 159 -19.97 16.15 0.84
C ARG A 159 -20.30 16.78 2.19
N GLU A 160 -20.87 15.97 3.07
CA GLU A 160 -21.30 16.51 4.36
C GLU A 160 -20.07 16.86 5.19
N THR A 161 -19.07 15.94 5.21
CA THR A 161 -17.95 16.12 6.11
C THR A 161 -16.96 17.20 5.65
N VAL A 162 -16.74 17.30 4.34
CA VAL A 162 -15.77 18.24 3.79
C VAL A 162 -16.48 19.60 3.72
N THR A 163 -15.83 20.66 4.23
CA THR A 163 -16.47 21.98 4.20
C THR A 163 -15.47 22.96 3.59
N SER A 164 -15.90 24.21 3.53
CA SER A 164 -14.98 25.19 2.99
C SER A 164 -13.89 25.52 3.99
N ASN A 165 -13.90 24.98 5.23
CA ASN A 165 -12.71 25.13 6.07
C ASN A 165 -11.73 23.94 5.86
N THR A 166 -12.14 22.93 5.08
CA THR A 166 -11.29 21.75 4.92
C THR A 166 -10.08 22.11 4.04
N LYS A 167 -8.85 21.82 4.47
CA LYS A 167 -7.73 22.09 3.55
C LYS A 167 -7.18 20.80 2.92
N ILE A 168 -7.37 19.67 3.61
CA ILE A 168 -6.78 18.40 3.19
C ILE A 168 -7.83 17.32 3.40
N VAL A 169 -8.09 16.53 2.33
CA VAL A 169 -8.77 15.25 2.54
C VAL A 169 -7.72 14.15 2.32
N ALA A 170 -7.63 13.15 3.22
CA ALA A 170 -6.65 12.09 2.99
C ALA A 170 -7.41 10.80 3.08
N VAL A 171 -7.20 9.89 2.09
CA VAL A 171 -8.08 8.73 2.02
C VAL A 171 -7.36 7.63 1.29
N SER A 172 -7.66 6.39 1.70
CA SER A 172 -7.10 5.20 1.09
C SER A 172 -7.70 4.98 -0.31
N HIS A 173 -6.88 4.61 -1.30
CA HIS A 173 -7.44 4.13 -2.58
C HIS A 173 -8.18 2.79 -2.40
N VAL A 174 -7.48 1.82 -1.76
CA VAL A 174 -8.03 0.50 -1.48
C VAL A 174 -7.67 0.24 0.01
N SER A 175 -8.65 -0.29 0.74
CA SER A 175 -8.47 -0.67 2.14
C SER A 175 -7.71 -1.99 2.24
N ASN A 176 -6.64 -2.05 3.08
CA ASN A 176 -5.87 -3.24 3.32
C ASN A 176 -6.68 -4.18 4.25
N VAL A 177 -7.88 -3.75 4.72
CA VAL A 177 -8.65 -4.64 5.59
C VAL A 177 -9.99 -5.02 4.95
N LEU A 178 -10.72 -4.03 4.47
CA LEU A 178 -12.07 -4.27 3.97
C LEU A 178 -12.00 -4.74 2.53
N GLY A 179 -10.91 -4.37 1.80
CA GLY A 179 -10.85 -4.62 0.35
C GLY A 179 -11.69 -3.60 -0.44
N THR A 180 -12.30 -2.65 0.26
CA THR A 180 -13.05 -1.58 -0.43
C THR A 180 -12.17 -0.77 -1.39
N VAL A 181 -12.70 -0.44 -2.60
CA VAL A 181 -12.02 0.40 -3.54
C VAL A 181 -12.73 1.74 -3.40
N ASN A 182 -12.07 2.77 -2.90
CA ASN A 182 -12.83 3.98 -2.61
C ASN A 182 -13.00 4.83 -3.86
N PRO A 183 -14.09 5.68 -3.95
CA PRO A 183 -14.34 6.52 -5.14
C PRO A 183 -13.46 7.78 -5.23
N ILE A 184 -12.13 7.56 -5.37
CA ILE A 184 -11.14 8.62 -5.21
C ILE A 184 -11.36 9.77 -6.20
N LYS A 185 -11.58 9.42 -7.46
CA LYS A 185 -11.77 10.48 -8.46
C LYS A 185 -12.92 11.45 -8.04
N GLU A 186 -14.06 10.92 -7.57
CA GLU A 186 -15.21 11.77 -7.20
C GLU A 186 -14.90 12.45 -5.88
N MET A 187 -14.13 11.79 -4.96
CA MET A 187 -13.74 12.52 -3.76
C MET A 187 -12.77 13.65 -4.06
N ALA A 188 -11.93 13.51 -5.10
CA ALA A 188 -11.03 14.62 -5.37
C ALA A 188 -11.84 15.83 -5.87
N LYS A 189 -12.86 15.56 -6.68
CA LYS A 189 -13.73 16.69 -7.12
C LYS A 189 -14.33 17.44 -5.90
N ILE A 190 -14.88 16.72 -4.91
CA ILE A 190 -15.48 17.33 -3.72
C ILE A 190 -14.41 18.08 -2.93
N ALA A 191 -13.21 17.48 -2.75
CA ALA A 191 -12.17 18.23 -2.07
C ALA A 191 -11.92 19.55 -2.80
N HIS A 192 -11.71 19.45 -4.13
CA HIS A 192 -11.27 20.65 -4.85
C HIS A 192 -12.41 21.71 -4.84
N ASP A 193 -13.66 21.27 -4.95
CA ASP A 193 -14.83 22.18 -4.96
C ASP A 193 -14.85 22.92 -3.65
N ASN A 194 -14.21 22.37 -2.61
CA ASN A 194 -14.19 23.01 -1.30
C ASN A 194 -12.90 23.73 -1.03
N GLY A 195 -12.00 23.78 -2.03
CA GLY A 195 -10.75 24.50 -1.79
C GLY A 195 -9.68 23.62 -1.08
N ALA A 196 -9.85 22.29 -1.06
CA ALA A 196 -8.91 21.39 -0.37
C ALA A 196 -8.07 20.65 -1.40
N VAL A 197 -6.94 20.05 -0.94
CA VAL A 197 -6.19 19.09 -1.75
C VAL A 197 -6.60 17.69 -1.27
N ILE A 198 -6.40 16.66 -2.15
CA ILE A 198 -6.62 15.30 -1.68
C ILE A 198 -5.29 14.52 -1.72
N VAL A 199 -5.06 13.76 -0.65
CA VAL A 199 -3.85 12.95 -0.49
C VAL A 199 -4.34 11.51 -0.57
N VAL A 200 -3.81 10.73 -1.52
CA VAL A 200 -4.35 9.38 -1.68
C VAL A 200 -3.28 8.37 -1.18
N ASP A 201 -3.65 7.46 -0.28
CA ASP A 201 -2.74 6.38 0.18
C ASP A 201 -2.98 5.21 -0.81
N GLY A 202 -2.06 5.03 -1.77
CA GLY A 202 -2.18 4.00 -2.81
C GLY A 202 -1.33 2.79 -2.44
N ALA A 203 -1.03 2.54 -1.15
CA ALA A 203 -0.13 1.40 -0.87
C ALA A 203 -0.76 0.08 -1.39
N GLN A 204 -2.08 -0.06 -1.19
CA GLN A 204 -2.71 -1.36 -1.51
C GLN A 204 -3.38 -1.33 -2.91
N SER A 205 -3.50 -0.15 -3.56
CA SER A 205 -4.06 -0.18 -4.90
C SER A 205 -2.99 -0.39 -5.99
N THR A 206 -1.87 0.37 -5.92
CA THR A 206 -0.85 0.40 -6.98
C THR A 206 -0.40 -1.00 -7.39
N PRO A 207 -0.19 -2.03 -6.50
CA PRO A 207 0.34 -3.32 -6.99
C PRO A 207 -0.68 -4.06 -7.87
N HIS A 208 -1.96 -3.66 -7.73
CA HIS A 208 -3.03 -4.62 -8.04
C HIS A 208 -3.95 -4.08 -9.15
N MET A 209 -3.87 -2.79 -9.47
CA MET A 209 -4.79 -2.19 -10.46
C MET A 209 -4.06 -1.00 -11.06
N LYS A 210 -4.47 -0.61 -12.27
CA LYS A 210 -3.79 0.44 -13.04
C LYS A 210 -4.00 1.72 -12.26
N ILE A 211 -2.98 2.55 -12.13
CA ILE A 211 -3.13 3.86 -11.48
C ILE A 211 -2.94 4.95 -12.55
N ASP A 212 -3.85 5.92 -12.59
CA ASP A 212 -3.67 7.03 -13.55
C ASP A 212 -3.93 8.32 -12.77
N VAL A 213 -2.86 9.00 -12.34
CA VAL A 213 -2.97 10.15 -11.43
C VAL A 213 -3.63 11.35 -12.17
N GLN A 214 -3.62 11.35 -13.51
CA GLN A 214 -4.21 12.48 -14.26
C GLN A 214 -5.73 12.28 -14.25
N ASP A 215 -6.18 11.03 -14.43
CA ASP A 215 -7.57 10.68 -14.34
C ASP A 215 -8.08 10.82 -12.91
N LEU A 216 -7.33 10.38 -11.90
CA LEU A 216 -7.81 10.49 -10.50
C LEU A 216 -7.82 11.97 -10.10
N ASP A 217 -6.90 12.78 -10.67
CA ASP A 217 -6.69 14.18 -10.29
C ASP A 217 -6.37 14.30 -8.79
N CYS A 218 -5.66 13.28 -8.23
CA CYS A 218 -5.19 13.39 -6.85
C CYS A 218 -4.05 14.44 -6.79
N ASP A 219 -3.96 15.19 -5.69
CA ASP A 219 -2.88 16.18 -5.44
C ASP A 219 -1.61 15.45 -5.00
N PHE A 220 -1.76 14.39 -4.17
CA PHE A 220 -0.59 13.59 -3.81
C PHE A 220 -1.03 12.11 -3.83
N PHE A 221 -0.06 11.21 -4.05
CA PHE A 221 -0.37 9.77 -4.13
C PHE A 221 0.89 9.07 -3.58
N ALA A 222 0.71 8.13 -2.63
CA ALA A 222 1.86 7.49 -2.00
C ALA A 222 1.76 5.96 -2.29
N LEU A 223 2.91 5.27 -2.48
CA LEU A 223 2.90 3.83 -2.76
C LEU A 223 4.20 3.20 -2.21
N SER A 224 4.23 1.85 -2.07
CA SER A 224 5.35 1.10 -1.55
C SER A 224 5.77 0.05 -2.60
N SER A 225 7.11 -0.01 -2.86
CA SER A 225 7.62 -1.06 -3.75
C SER A 225 7.37 -2.46 -3.17
N HIS A 226 7.50 -2.62 -1.81
CA HIS A 226 7.55 -4.01 -1.32
C HIS A 226 6.21 -4.69 -1.56
N LYS A 227 5.14 -3.88 -1.70
CA LYS A 227 3.85 -4.55 -1.97
C LYS A 227 3.62 -4.90 -3.45
N MET A 228 4.46 -4.43 -4.39
CA MET A 228 4.21 -4.59 -5.85
C MET A 228 5.38 -5.30 -6.52
N CYS A 229 5.87 -6.43 -5.94
CA CYS A 229 6.95 -7.26 -6.49
C CYS A 229 8.32 -6.57 -6.46
N GLY A 230 8.41 -5.43 -5.77
CA GLY A 230 9.70 -4.75 -5.77
C GLY A 230 10.47 -4.88 -4.43
N PRO A 231 11.70 -4.30 -4.39
CA PRO A 231 12.57 -4.44 -3.19
C PRO A 231 11.92 -3.74 -1.99
N THR A 232 12.36 -4.14 -0.79
CA THR A 232 11.84 -3.45 0.40
C THR A 232 12.57 -2.09 0.54
N GLY A 233 11.99 -1.19 1.41
CA GLY A 233 12.79 0.01 1.73
C GLY A 233 12.64 1.11 0.66
N VAL A 234 11.66 0.94 -0.26
CA VAL A 234 11.55 1.95 -1.32
C VAL A 234 10.06 2.26 -1.54
N GLY A 235 9.81 3.53 -1.82
CA GLY A 235 8.46 3.98 -2.07
C GLY A 235 8.48 5.18 -3.02
N VAL A 236 7.27 5.69 -3.29
CA VAL A 236 7.21 6.89 -4.14
C VAL A 236 6.25 7.85 -3.47
N LEU A 237 6.58 9.15 -3.52
CA LEU A 237 5.56 10.15 -3.32
C LEU A 237 5.40 10.87 -4.67
N TYR A 238 4.18 10.81 -5.19
CA TYR A 238 3.83 11.68 -6.33
C TYR A 238 3.16 12.92 -5.74
N GLY A 239 3.47 14.11 -6.31
CA GLY A 239 2.62 15.25 -5.94
C GLY A 239 2.55 16.16 -7.18
N LYS A 240 1.42 16.86 -7.38
CA LYS A 240 1.36 17.79 -8.51
C LYS A 240 2.55 18.73 -8.43
N LYS A 241 3.18 19.03 -9.57
CA LYS A 241 4.39 19.82 -9.52
C LYS A 241 4.18 21.18 -8.84
N ALA A 242 3.01 21.85 -9.05
CA ALA A 242 2.82 23.23 -8.55
C ALA A 242 2.77 23.17 -7.02
N LEU A 243 2.28 22.05 -6.42
CA LEU A 243 2.32 21.96 -4.96
C LEU A 243 3.69 21.62 -4.44
N LEU A 244 4.40 20.68 -5.11
CA LEU A 244 5.76 20.35 -4.60
C LEU A 244 6.66 21.57 -4.73
N GLU A 245 6.42 22.40 -5.75
CA GLU A 245 7.35 23.52 -5.95
C GLU A 245 7.29 24.49 -4.77
N ASN A 246 6.14 24.59 -4.13
CA ASN A 246 5.95 25.54 -3.04
C ASN A 246 6.15 24.89 -1.66
N MET A 247 6.34 23.57 -1.58
CA MET A 247 6.65 22.90 -0.32
C MET A 247 8.16 22.92 -0.03
N GLU A 248 8.50 23.10 1.26
CA GLU A 248 9.89 23.01 1.66
C GLU A 248 10.29 21.54 1.82
N PRO A 249 11.60 21.20 1.75
CA PRO A 249 12.04 19.84 1.96
C PRO A 249 11.67 19.34 3.34
N ALA A 250 11.49 17.99 3.47
CA ALA A 250 11.19 17.40 4.77
C ALA A 250 12.51 16.99 5.42
N GLU A 251 13.59 16.81 4.64
CA GLU A 251 14.92 16.64 5.27
C GLU A 251 16.00 17.30 4.44
N PHE A 252 17.20 17.51 5.04
CA PHE A 252 18.18 18.39 4.44
C PHE A 252 19.53 17.70 4.40
N GLY A 253 20.35 18.00 3.37
CA GLY A 253 21.67 17.39 3.33
C GLY A 253 22.30 17.60 1.97
N GLY A 254 23.29 16.76 1.67
CA GLY A 254 23.89 16.70 0.34
C GLY A 254 22.86 16.27 -0.72
N GLU A 255 23.16 16.65 -1.98
CA GLU A 255 22.40 16.22 -3.18
C GLU A 255 21.11 17.02 -3.32
N MET A 256 20.52 17.56 -2.25
CA MET A 256 19.27 18.28 -2.44
C MET A 256 19.47 19.81 -2.38
N ILE A 257 20.73 20.24 -2.36
CA ILE A 257 21.07 21.69 -2.34
C ILE A 257 21.62 22.16 -3.68
N ASP A 258 21.58 23.48 -3.82
CA ASP A 258 22.28 24.13 -4.90
C ASP A 258 23.46 24.90 -4.29
N PHE A 259 23.22 25.76 -3.33
CA PHE A 259 24.28 26.51 -2.68
C PHE A 259 24.19 26.28 -1.17
N VAL A 260 25.35 26.12 -0.51
CA VAL A 260 25.34 26.01 0.95
C VAL A 260 26.32 27.07 1.47
N GLY A 261 25.81 28.08 2.19
CA GLY A 261 26.67 29.00 2.97
C GLY A 261 26.76 28.55 4.43
N LEU A 262 27.43 29.37 5.27
CA LEU A 262 27.55 28.99 6.69
C LEU A 262 26.20 28.91 7.39
N TYR A 263 25.29 29.83 7.06
CA TYR A 263 24.01 29.90 7.77
C TYR A 263 22.79 29.62 6.88
N GLU A 264 22.93 29.76 5.55
CA GLU A 264 21.74 29.66 4.68
C GLU A 264 22.05 28.70 3.52
N SER A 265 21.04 28.06 2.94
CA SER A 265 21.28 27.21 1.79
C SER A 265 20.13 27.36 0.80
N THR A 266 20.34 27.03 -0.46
CA THR A 266 19.22 27.05 -1.38
C THR A 266 19.06 25.61 -1.88
N TRP A 267 17.88 25.28 -2.42
CA TRP A 267 17.62 23.86 -2.70
C TRP A 267 17.79 23.62 -4.19
N LYS A 268 17.95 22.35 -4.59
CA LYS A 268 17.92 21.99 -6.00
C LYS A 268 16.45 22.06 -6.49
N GLU A 269 16.28 22.01 -7.81
CA GLU A 269 14.94 21.89 -8.42
C GLU A 269 14.33 20.51 -8.03
N LEU A 270 13.08 20.30 -8.42
CA LEU A 270 12.44 18.99 -8.23
C LEU A 270 12.96 18.06 -9.29
N PRO A 271 12.93 16.71 -9.06
CA PRO A 271 12.47 16.14 -7.78
C PRO A 271 13.55 16.12 -6.67
N TRP A 272 14.82 16.44 -7.00
CA TRP A 272 15.98 16.19 -6.12
C TRP A 272 15.91 17.06 -4.85
N LYS A 273 15.17 18.17 -4.90
CA LYS A 273 14.92 18.93 -3.68
C LYS A 273 14.43 18.02 -2.52
N PHE A 274 13.66 16.96 -2.84
CA PHE A 274 13.10 16.09 -1.81
C PHE A 274 13.93 14.81 -1.59
N GLU A 275 15.14 14.70 -2.20
CA GLU A 275 15.90 13.45 -2.07
C GLU A 275 17.25 13.77 -1.41
N ALA A 276 17.30 13.73 -0.08
CA ALA A 276 18.49 14.22 0.63
C ALA A 276 19.44 13.02 0.76
N GLY A 277 20.75 13.23 0.49
CA GLY A 277 21.76 12.19 0.70
C GLY A 277 21.77 11.13 -0.40
N THR A 278 22.68 10.17 -0.27
CA THR A 278 22.81 9.11 -1.24
C THR A 278 21.46 8.37 -1.31
N PRO A 279 20.89 8.21 -2.51
CA PRO A 279 19.54 7.69 -2.57
C PRO A 279 19.49 6.15 -2.50
N ILE A 280 18.26 5.58 -2.65
CA ILE A 280 18.07 4.12 -2.53
C ILE A 280 18.37 3.55 -3.90
N ILE A 281 19.67 3.45 -4.27
CA ILE A 281 19.90 3.38 -5.73
C ILE A 281 19.42 1.97 -6.21
N ALA A 282 19.90 0.87 -5.56
CA ALA A 282 19.62 -0.49 -6.03
C ALA A 282 18.11 -0.72 -5.97
N GLY A 283 17.51 -0.33 -4.85
CA GLY A 283 16.06 -0.54 -4.62
C GLY A 283 15.19 0.15 -5.66
N ALA A 284 15.55 1.40 -6.00
CA ALA A 284 14.75 2.12 -6.99
C ALA A 284 14.92 1.43 -8.36
N ILE A 285 16.15 1.01 -8.72
CA ILE A 285 16.32 0.34 -10.02
C ILE A 285 15.52 -0.97 -10.01
N GLY A 286 15.49 -1.67 -8.86
CA GLY A 286 14.71 -2.95 -8.80
C GLY A 286 13.20 -2.64 -8.80
N LEU A 287 12.76 -1.49 -8.24
CA LEU A 287 11.36 -1.10 -8.41
C LEU A 287 11.02 -0.83 -9.91
N GLY A 288 11.97 -0.24 -10.65
CA GLY A 288 11.74 -0.12 -12.09
C GLY A 288 11.59 -1.46 -12.79
N ALA A 289 12.41 -2.47 -12.40
CA ALA A 289 12.27 -3.79 -12.99
C ALA A 289 10.92 -4.45 -12.57
N ALA A 290 10.48 -4.18 -11.34
CA ALA A 290 9.16 -4.71 -10.93
C ALA A 290 8.05 -4.13 -11.86
N ILE A 291 8.09 -2.84 -12.07
CA ILE A 291 7.13 -2.17 -12.96
C ILE A 291 7.22 -2.79 -14.37
N ASP A 292 8.45 -3.01 -14.88
CA ASP A 292 8.52 -3.56 -16.24
C ASP A 292 7.83 -4.93 -16.22
N PHE A 293 8.11 -5.72 -15.18
CA PHE A 293 7.49 -7.02 -14.99
C PHE A 293 5.95 -6.96 -14.99
N LEU A 294 5.38 -6.08 -14.15
CA LEU A 294 3.93 -6.02 -14.00
C LEU A 294 3.30 -5.51 -15.32
N GLU A 295 3.98 -4.55 -15.98
CA GLU A 295 3.41 -4.00 -17.20
C GLU A 295 3.40 -5.04 -18.30
N GLU A 296 4.40 -5.90 -18.31
CA GLU A 296 4.43 -6.92 -19.34
C GLU A 296 3.27 -7.91 -19.14
N ILE A 297 2.90 -8.19 -17.90
CA ILE A 297 1.73 -9.04 -17.65
C ILE A 297 0.46 -8.24 -17.93
N GLY A 298 0.43 -6.95 -17.51
CA GLY A 298 -0.79 -6.15 -17.76
C GLY A 298 -1.48 -5.93 -16.42
N LEU A 299 -1.61 -4.68 -15.91
CA LEU A 299 -2.29 -4.43 -14.61
C LEU A 299 -3.76 -4.80 -14.71
N ASP A 300 -4.32 -4.63 -15.90
CA ASP A 300 -5.75 -4.96 -16.05
C ASP A 300 -5.95 -6.47 -16.00
N GLU A 301 -5.00 -7.24 -16.57
CA GLU A 301 -5.05 -8.70 -16.44
C GLU A 301 -4.89 -9.11 -14.97
N ILE A 302 -3.94 -8.50 -14.25
CA ILE A 302 -3.77 -8.79 -12.81
C ILE A 302 -5.09 -8.46 -12.08
N SER A 303 -5.70 -7.28 -12.31
CA SER A 303 -6.98 -6.98 -11.60
C SER A 303 -8.03 -8.03 -11.96
N ARG A 304 -8.10 -8.40 -13.25
CA ARG A 304 -9.16 -9.39 -13.59
C ARG A 304 -8.91 -10.70 -12.86
N HIS A 305 -7.65 -11.19 -12.79
CA HIS A 305 -7.35 -12.42 -12.06
C HIS A 305 -7.78 -12.26 -10.59
N GLU A 306 -7.43 -11.14 -9.93
CA GLU A 306 -7.81 -10.95 -8.53
C GLU A 306 -9.34 -10.84 -8.35
N HIS A 307 -10.07 -10.19 -9.28
CA HIS A 307 -11.53 -10.18 -9.21
C HIS A 307 -12.03 -11.66 -9.15
N LYS A 308 -11.47 -12.49 -10.03
CA LYS A 308 -11.86 -13.89 -10.07
C LYS A 308 -11.58 -14.55 -8.74
N LEU A 309 -10.36 -14.35 -8.20
CA LEU A 309 -10.04 -14.98 -6.93
C LEU A 309 -10.95 -14.44 -5.83
N ALA A 310 -11.19 -13.11 -5.83
CA ALA A 310 -11.99 -12.60 -4.71
C ALA A 310 -13.45 -13.13 -4.78
N ALA A 311 -14.06 -13.15 -5.97
CA ALA A 311 -15.44 -13.66 -6.11
C ALA A 311 -15.45 -15.13 -5.69
N TYR A 312 -14.39 -15.89 -6.02
CA TYR A 312 -14.36 -17.32 -5.68
C TYR A 312 -14.20 -17.46 -4.16
N ALA A 313 -13.25 -16.66 -3.60
CA ALA A 313 -13.11 -16.74 -2.16
C ALA A 313 -14.40 -16.37 -1.44
N LEU A 314 -15.02 -15.22 -1.77
CA LEU A 314 -16.21 -14.85 -0.95
C LEU A 314 -17.25 -15.95 -1.03
N GLU A 315 -17.42 -16.55 -2.22
CA GLU A 315 -18.44 -17.60 -2.34
C GLU A 315 -18.06 -18.76 -1.42
N ARG A 316 -16.78 -19.18 -1.49
CA ARG A 316 -16.40 -20.33 -0.66
C ARG A 316 -16.39 -20.06 0.84
N PHE A 317 -16.11 -18.82 1.24
CA PHE A 317 -16.26 -18.43 2.66
C PHE A 317 -17.72 -18.54 3.10
N ARG A 318 -18.67 -18.15 2.22
CA ARG A 318 -20.07 -18.24 2.61
C ARG A 318 -20.49 -19.69 2.75
N GLN A 319 -19.68 -20.63 2.23
CA GLN A 319 -20.08 -22.01 2.42
C GLN A 319 -19.66 -22.45 3.81
N LEU A 320 -18.87 -21.65 4.52
CA LEU A 320 -18.43 -22.09 5.86
C LEU A 320 -19.41 -21.56 6.92
N ASP A 321 -19.76 -22.46 7.83
CA ASP A 321 -20.55 -21.98 8.96
C ASP A 321 -19.66 -21.29 10.01
N GLY A 322 -20.19 -20.30 10.73
CA GLY A 322 -19.45 -19.83 11.88
C GLY A 322 -18.29 -18.90 11.44
N VAL A 323 -18.33 -18.31 10.22
CA VAL A 323 -17.23 -17.43 9.76
C VAL A 323 -17.83 -16.09 9.35
N THR A 324 -17.26 -14.94 9.76
CA THR A 324 -17.76 -13.64 9.33
C THR A 324 -16.68 -12.95 8.49
N VAL A 325 -17.08 -12.41 7.34
CA VAL A 325 -16.20 -11.68 6.44
C VAL A 325 -16.61 -10.21 6.51
N TYR A 326 -15.61 -9.30 6.64
CA TYR A 326 -15.87 -7.88 6.84
C TYR A 326 -15.72 -7.19 5.49
N GLY A 327 -16.65 -6.25 5.23
CA GLY A 327 -16.49 -5.33 4.11
C GLY A 327 -17.44 -5.67 2.95
N PRO A 328 -17.31 -5.05 1.76
CA PRO A 328 -18.34 -5.12 0.73
C PRO A 328 -18.13 -6.31 -0.20
N GLU A 329 -19.17 -6.63 -0.97
CA GLU A 329 -19.11 -7.72 -1.91
C GLU A 329 -18.13 -7.36 -3.04
N GLU A 330 -18.19 -6.12 -3.58
CA GLU A 330 -17.31 -5.70 -4.66
C GLU A 330 -15.99 -5.26 -4.03
N ARG A 331 -14.84 -5.83 -4.42
CA ARG A 331 -13.69 -5.58 -3.55
C ARG A 331 -12.44 -5.95 -4.32
N ALA A 332 -11.29 -5.51 -3.79
CA ALA A 332 -9.93 -5.96 -4.18
C ALA A 332 -9.70 -7.40 -3.71
N GLY A 333 -8.47 -7.92 -3.95
CA GLY A 333 -8.11 -9.35 -3.83
C GLY A 333 -7.66 -9.68 -2.40
N LEU A 334 -8.58 -9.48 -1.43
CA LEU A 334 -8.30 -9.93 -0.05
C LEU A 334 -9.58 -10.18 0.74
N VAL A 335 -9.47 -10.97 1.82
CA VAL A 335 -10.64 -11.27 2.62
C VAL A 335 -10.12 -11.24 4.07
N THR A 336 -10.75 -10.37 4.87
CA THR A 336 -10.46 -10.33 6.31
C THR A 336 -11.67 -10.89 7.03
N PHE A 337 -11.46 -11.69 8.09
CA PHE A 337 -12.59 -12.51 8.54
C PHE A 337 -12.31 -12.93 9.99
N ASN A 338 -13.30 -13.55 10.69
CA ASN A 338 -13.00 -14.18 11.97
C ASN A 338 -13.78 -15.47 11.96
N LEU A 339 -13.26 -16.51 12.63
CA LEU A 339 -14.07 -17.69 12.93
C LEU A 339 -14.76 -17.47 14.25
N ASP A 340 -16.04 -17.82 14.31
CA ASP A 340 -16.86 -17.51 15.46
C ASP A 340 -16.17 -17.86 16.76
N ASP A 341 -15.67 -19.07 16.86
CA ASP A 341 -15.27 -19.20 18.27
C ASP A 341 -13.77 -19.25 18.41
N VAL A 342 -12.99 -18.70 17.49
CA VAL A 342 -11.56 -18.97 17.61
C VAL A 342 -10.85 -17.61 17.46
N HIS A 343 -9.85 -17.32 18.32
CA HIS A 343 -9.08 -16.11 18.14
C HIS A 343 -8.32 -16.17 16.82
N PRO A 344 -8.28 -15.04 16.05
CA PRO A 344 -7.63 -15.08 14.73
C PRO A 344 -6.13 -15.41 14.80
N HIS A 345 -5.43 -15.05 15.91
CA HIS A 345 -4.07 -15.53 16.03
C HIS A 345 -3.95 -17.07 16.04
N ASP A 346 -4.85 -17.77 16.76
CA ASP A 346 -4.87 -19.22 16.72
C ASP A 346 -5.24 -19.71 15.32
N VAL A 347 -6.20 -19.04 14.67
CA VAL A 347 -6.47 -19.38 13.26
C VAL A 347 -5.17 -19.33 12.45
N ALA A 348 -4.42 -18.23 12.53
CA ALA A 348 -3.22 -18.07 11.71
C ALA A 348 -2.15 -19.13 12.03
N THR A 349 -2.00 -19.43 13.33
CA THR A 349 -1.04 -20.42 13.84
C THR A 349 -1.36 -21.80 13.26
N VAL A 350 -2.61 -22.20 13.34
CA VAL A 350 -3.01 -23.50 12.80
C VAL A 350 -2.86 -23.56 11.28
N LEU A 351 -3.22 -22.45 10.58
CA LEU A 351 -3.07 -22.47 9.13
C LEU A 351 -1.58 -22.58 8.73
N ASP A 352 -0.67 -21.98 9.54
CA ASP A 352 0.76 -22.11 9.20
C ASP A 352 1.29 -23.55 9.40
N ALA A 353 0.70 -24.31 10.34
CA ALA A 353 0.97 -25.76 10.48
C ALA A 353 0.55 -26.54 9.21
N GLU A 354 -0.37 -26.01 8.39
CA GLU A 354 -0.77 -26.67 7.14
C GLU A 354 -0.11 -25.99 5.91
N GLY A 355 0.90 -25.16 6.16
CA GLY A 355 1.70 -24.52 5.12
C GLY A 355 1.11 -23.18 4.68
N ILE A 356 0.01 -22.75 5.33
CA ILE A 356 -0.73 -21.59 4.76
C ILE A 356 -0.36 -20.34 5.58
N ALA A 357 0.04 -19.26 4.84
CA ALA A 357 0.49 -18.03 5.47
C ALA A 357 -0.62 -16.96 5.36
N VAL A 358 -1.22 -16.55 6.50
CA VAL A 358 -2.17 -15.43 6.45
C VAL A 358 -1.75 -14.50 7.58
N ARG A 359 -2.43 -13.34 7.74
CA ARG A 359 -2.03 -12.48 8.88
C ARG A 359 -3.13 -12.37 9.93
N ALA A 360 -2.76 -12.07 11.18
CA ALA A 360 -3.78 -11.91 12.23
C ALA A 360 -3.43 -10.64 12.98
N GLY A 361 -4.42 -9.87 13.47
CA GLY A 361 -4.06 -8.68 14.25
C GLY A 361 -5.04 -7.56 13.83
N HIS A 362 -4.60 -6.32 14.00
CA HIS A 362 -5.46 -5.20 13.63
C HIS A 362 -5.06 -4.62 12.25
N HIS A 363 -3.96 -5.17 11.64
CA HIS A 363 -3.53 -4.75 10.33
C HIS A 363 -3.30 -3.23 10.32
N CYS A 364 -2.81 -2.64 11.43
CA CYS A 364 -2.50 -1.21 11.50
C CYS A 364 -3.77 -0.35 11.24
N ALA A 365 -4.94 -0.88 11.66
CA ALA A 365 -6.16 -0.06 11.53
C ALA A 365 -7.03 -0.23 12.79
N GLN A 366 -6.53 0.30 13.94
CA GLN A 366 -7.21 0.10 15.23
C GLN A 366 -8.61 0.78 15.23
N PRO A 367 -8.74 2.05 14.75
CA PRO A 367 -10.07 2.69 14.72
C PRO A 367 -11.01 1.85 13.87
N LEU A 368 -10.50 1.26 12.79
CA LEU A 368 -11.38 0.41 12.00
C LEU A 368 -11.81 -0.83 12.80
N MET A 369 -10.91 -1.44 13.59
CA MET A 369 -11.30 -2.66 14.29
C MET A 369 -12.40 -2.31 15.31
N LYS A 370 -12.25 -1.13 15.90
CA LYS A 370 -13.21 -0.59 16.86
C LYS A 370 -14.59 -0.42 16.20
N TRP A 371 -14.61 0.17 15.00
CA TRP A 371 -15.80 0.32 14.19
C TRP A 371 -16.37 -1.05 13.87
N LEU A 372 -15.51 -2.06 13.68
CA LEU A 372 -16.03 -3.36 13.32
C LEU A 372 -16.48 -4.08 14.60
N ASP A 373 -16.25 -3.47 15.78
CA ASP A 373 -16.55 -4.07 17.07
C ASP A 373 -15.73 -5.36 17.27
N VAL A 374 -14.42 -5.43 16.92
CA VAL A 374 -13.62 -6.63 17.14
C VAL A 374 -12.27 -6.13 17.65
N THR A 375 -11.49 -7.02 18.26
CA THR A 375 -10.19 -6.55 18.72
C THR A 375 -9.15 -6.99 17.68
N ALA A 376 -9.41 -8.02 16.88
CA ALA A 376 -8.44 -8.45 15.86
C ALA A 376 -9.18 -9.27 14.82
N THR A 377 -8.51 -9.55 13.67
CA THR A 377 -9.13 -10.28 12.56
C THR A 377 -8.03 -11.11 11.89
N ALA A 378 -8.42 -12.07 11.07
CA ALA A 378 -7.43 -12.77 10.28
C ALA A 378 -7.60 -12.26 8.85
N ARG A 379 -6.53 -12.33 8.05
CA ARG A 379 -6.64 -11.79 6.69
C ARG A 379 -5.90 -12.69 5.69
N ALA A 380 -6.60 -13.11 4.64
CA ALA A 380 -5.97 -13.76 3.51
C ALA A 380 -5.97 -12.78 2.37
N SER A 381 -4.82 -12.56 1.75
CA SER A 381 -4.72 -11.56 0.68
C SER A 381 -3.99 -12.16 -0.51
N PHE A 382 -4.37 -11.76 -1.74
CA PHE A 382 -3.98 -12.50 -2.92
C PHE A 382 -3.07 -11.65 -3.83
N TYR A 383 -2.39 -12.30 -4.81
CA TYR A 383 -1.71 -11.50 -5.84
C TYR A 383 -1.66 -12.38 -7.10
N LEU A 384 -0.82 -11.99 -8.04
CA LEU A 384 -0.88 -12.55 -9.40
C LEU A 384 -0.36 -13.96 -9.43
N TYR A 385 0.30 -14.41 -8.34
CA TYR A 385 0.77 -15.78 -8.34
C TYR A 385 -0.14 -16.74 -7.58
N ASN A 386 -1.28 -16.26 -7.05
CA ASN A 386 -2.17 -17.16 -6.33
C ASN A 386 -3.30 -17.74 -7.19
N THR A 387 -3.79 -18.90 -6.72
CA THR A 387 -4.71 -19.70 -7.51
C THR A 387 -5.95 -20.08 -6.70
N GLU A 388 -7.02 -20.51 -7.42
CA GLU A 388 -8.22 -21.04 -6.79
C GLU A 388 -7.91 -22.26 -5.92
N GLU A 389 -7.01 -23.12 -6.38
CA GLU A 389 -6.68 -24.28 -5.56
C GLU A 389 -6.11 -23.83 -4.19
N GLU A 390 -5.30 -22.75 -4.16
CA GLU A 390 -4.82 -22.26 -2.86
C GLU A 390 -5.97 -21.78 -1.95
N ILE A 391 -7.00 -21.17 -2.58
CA ILE A 391 -8.18 -20.76 -1.84
C ILE A 391 -8.95 -22.01 -1.38
N ASP A 392 -8.95 -23.09 -2.18
CA ASP A 392 -9.64 -24.30 -1.66
C ASP A 392 -8.88 -24.77 -0.41
N LYS A 393 -7.55 -24.79 -0.48
CA LYS A 393 -6.77 -25.22 0.66
C LYS A 393 -7.07 -24.38 1.90
N LEU A 394 -7.22 -23.06 1.74
CA LEU A 394 -7.53 -22.19 2.86
C LEU A 394 -8.90 -22.60 3.42
N VAL A 395 -9.93 -22.80 2.56
CA VAL A 395 -11.29 -22.90 3.12
C VAL A 395 -11.38 -24.29 3.74
N GLU A 396 -10.64 -25.25 3.18
CA GLU A 396 -10.63 -26.61 3.78
C GLU A 396 -9.94 -26.53 5.15
N ALA A 397 -8.85 -25.76 5.26
CA ALA A 397 -8.16 -25.69 6.55
C ALA A 397 -9.01 -24.92 7.56
N LEU A 398 -9.79 -23.90 7.15
CA LEU A 398 -10.63 -23.19 8.11
C LEU A 398 -11.71 -24.16 8.61
N GLN A 399 -12.26 -25.00 7.72
CA GLN A 399 -13.25 -25.99 8.15
C GLN A 399 -12.64 -26.92 9.23
N LYS A 400 -11.46 -27.49 8.92
CA LYS A 400 -10.71 -28.38 9.80
C LYS A 400 -10.38 -27.63 11.10
N THR A 401 -10.05 -26.33 11.02
CA THR A 401 -9.77 -25.53 12.20
C THR A 401 -11.01 -25.42 13.11
N LYS A 402 -12.18 -25.12 12.51
CA LYS A 402 -13.41 -25.06 13.28
C LYS A 402 -13.69 -26.38 13.99
N GLU A 403 -13.54 -27.50 13.28
CA GLU A 403 -13.87 -28.78 13.87
C GLU A 403 -12.91 -29.09 15.00
N TYR A 404 -11.63 -28.73 14.76
CA TYR A 404 -10.57 -29.01 15.68
C TYR A 404 -10.84 -28.28 16.99
N PHE A 405 -11.15 -26.98 16.91
CA PHE A 405 -11.41 -26.21 18.12
C PHE A 405 -12.76 -26.60 18.73
N THR A 406 -13.77 -27.04 17.96
CA THR A 406 -15.01 -27.39 18.62
C THR A 406 -14.82 -28.74 19.34
N ASN A 407 -13.98 -29.62 18.79
CA ASN A 407 -13.61 -30.88 19.43
C ASN A 407 -12.70 -30.71 20.65
N VAL A 408 -11.71 -29.83 20.60
CA VAL A 408 -10.95 -29.52 21.81
C VAL A 408 -11.93 -29.11 22.92
N PHE A 409 -12.91 -28.23 22.61
CA PHE A 409 -13.85 -27.66 23.58
C PHE A 409 -14.82 -28.73 24.09
N VAL A 410 -15.45 -29.47 23.16
CA VAL A 410 -16.43 -30.50 23.47
C VAL A 410 -15.79 -31.50 24.44
N ASP A 411 -14.52 -31.86 24.19
CA ASP A 411 -13.87 -32.91 24.96
C ASP A 411 -13.17 -32.33 26.21
N LEU A 412 -12.95 -30.99 26.24
CA LEU A 412 -12.49 -30.32 27.46
C LEU A 412 -13.62 -30.24 28.47
N GLU A 413 -14.88 -30.22 28.02
CA GLU A 413 -16.03 -30.19 28.92
C GLU A 413 -16.71 -31.55 29.12
N HIS A 414 -16.11 -32.61 28.59
CA HIS A 414 -16.42 -33.95 29.07
C HIS A 414 -15.37 -34.31 30.13
N HIS A 415 -14.35 -33.45 30.25
CA HIS A 415 -13.35 -33.51 31.31
C HIS A 415 -13.86 -32.80 32.57
N HIS A 416 -14.64 -31.70 32.40
CA HIS A 416 -15.05 -30.78 33.48
C HIS A 416 -16.57 -30.52 33.43
#